data_4XZB
#
_entry.id   4XZB
#
_cell.length_a   40.957
_cell.length_b   71.673
_cell.length_c   92.248
_cell.angle_alpha   90.00
_cell.angle_beta   90.00
_cell.angle_gamma   90.00
#
_symmetry.space_group_name_H-M   'P 21 21 21'
#
loop_
_entity.id
_entity.type
_entity.pdbx_description
1 polymer CelA
2 water water
#
_entity_poly.entity_id   1
_entity_poly.type   'polypeptide(L)'
_entity_poly.pdbx_seq_one_letter_code
;MERTPVEENGRLQVVGTALLNQHNKPFQLRGISTHGLQWFGQFANKDAFQTLRDDWKANVVRLAMYTDPNANGYIAQPEW
LKAKVKEGVQAALDLGMYVIIDWHILNDNDPNLYKEQAKRFFAEMAREYGKYPNVIYEIANEPNGNDVTWEEKIRPYADE
VIRTIRSIDRDNLIIVGTGTWSQDVDDVASDPLPYKNIMYAVHFYSGTHTQWLRDRVDAALQAGTPVFVSEWGTSDASGD
GGPYLEEAEKWIEFLNERGISWVNWSLCDKNEASAALRPGADPHGGWGDDHLSDSGRFIKAKLIEALEHHHHHH
;
_entity_poly.pdbx_strand_id   A
#
# COMPACT_ATOMS: atom_id res chain seq x y z
N GLU A 2 -15.04 -17.16 -9.06
CA GLU A 2 -14.47 -16.44 -10.24
C GLU A 2 -15.07 -15.04 -10.46
N ARG A 3 -15.92 -14.59 -9.55
CA ARG A 3 -16.16 -13.16 -9.35
C ARG A 3 -14.84 -12.50 -8.98
N THR A 4 -14.54 -11.34 -9.56
CA THR A 4 -13.32 -10.61 -9.20
C THR A 4 -13.51 -9.89 -7.86
N PRO A 5 -12.41 -9.50 -7.21
CA PRO A 5 -12.55 -8.81 -5.93
C PRO A 5 -13.42 -7.56 -6.02
N VAL A 6 -13.28 -6.80 -7.11
CA VAL A 6 -14.01 -5.55 -7.22
C VAL A 6 -15.48 -5.83 -7.58
N GLU A 7 -15.74 -6.85 -8.38
CA GLU A 7 -17.13 -7.26 -8.63
C GLU A 7 -17.84 -7.62 -7.33
N GLU A 8 -17.16 -8.39 -6.50
CA GLU A 8 -17.73 -8.87 -5.25
C GLU A 8 -17.94 -7.75 -4.20
N ASN A 9 -17.01 -6.81 -4.14
CA ASN A 9 -16.96 -5.85 -3.02
C ASN A 9 -17.29 -4.39 -3.36
N GLY A 10 -17.06 -3.97 -4.61
CA GLY A 10 -17.43 -2.64 -5.04
C GLY A 10 -16.78 -1.50 -4.27
N ARG A 11 -17.56 -0.46 -4.03
CA ARG A 11 -17.11 0.76 -3.37
C ARG A 11 -16.86 0.50 -1.92
N LEU A 12 -15.65 0.80 -1.44
CA LEU A 12 -15.30 0.58 -0.05
C LEU A 12 -15.65 1.78 0.80
N GLN A 13 -15.79 1.53 2.11
CA GLN A 13 -16.14 2.56 3.09
C GLN A 13 -15.41 2.29 4.40
N VAL A 14 -15.09 3.36 5.09
CA VAL A 14 -14.49 3.28 6.42
C VAL A 14 -15.50 3.75 7.45
N VAL A 15 -15.76 2.90 8.45
CA VAL A 15 -16.54 3.32 9.62
C VAL A 15 -15.70 3.01 10.85
N GLY A 16 -15.33 4.07 11.57
CA GLY A 16 -14.41 3.93 12.71
C GLY A 16 -13.13 3.32 12.19
N THR A 17 -12.73 2.16 12.73
CA THR A 17 -11.49 1.54 12.27
C THR A 17 -11.74 0.49 11.21
N ALA A 18 -13.00 0.25 10.86
CA ALA A 18 -13.37 -0.87 10.02
C ALA A 18 -13.43 -0.50 8.54
N LEU A 19 -12.92 -1.39 7.71
CA LEU A 19 -13.09 -1.28 6.26
C LEU A 19 -14.21 -2.19 5.86
N LEU A 20 -15.23 -1.64 5.22
CA LEU A 20 -16.40 -2.40 4.83
C LEU A 20 -16.53 -2.32 3.32
N ASN A 21 -17.15 -3.33 2.74
CA ASN A 21 -17.47 -3.26 1.33
C ASN A 21 -18.81 -2.56 1.08
N GLN A 22 -19.20 -2.49 -0.19
CA GLN A 22 -20.39 -1.76 -0.61
C GLN A 22 -21.67 -2.34 -0.03
N HIS A 23 -21.59 -3.61 0.39
CA HIS A 23 -22.71 -4.36 0.93
C HIS A 23 -22.69 -4.44 2.44
N ASN A 24 -21.93 -3.55 3.05
CA ASN A 24 -21.82 -3.46 4.51
C ASN A 24 -21.32 -4.76 5.13
N LYS A 25 -20.31 -5.37 4.50
CA LYS A 25 -19.64 -6.54 5.04
C LYS A 25 -18.18 -6.17 5.27
N PRO A 26 -17.57 -6.68 6.37
CA PRO A 26 -16.14 -6.45 6.60
C PRO A 26 -15.31 -6.93 5.44
N PHE A 27 -14.30 -6.16 5.06
CA PHE A 27 -13.46 -6.54 3.94
C PHE A 27 -12.02 -6.19 4.26
N GLN A 28 -11.11 -7.11 3.94
CA GLN A 28 -9.67 -6.91 4.12
C GLN A 28 -8.95 -6.97 2.77
N LEU A 29 -8.21 -5.92 2.45
CA LEU A 29 -7.34 -5.95 1.29
C LEU A 29 -6.03 -6.64 1.67
N ARG A 30 -5.56 -7.50 0.77
CA ARG A 30 -4.30 -8.24 0.94
C ARG A 30 -3.58 -8.31 -0.39
N GLY A 31 -2.35 -7.85 -0.44
CA GLY A 31 -1.63 -7.90 -1.72
C GLY A 31 -0.19 -7.55 -1.61
N ILE A 32 0.33 -6.98 -2.69
CA ILE A 32 1.75 -6.72 -2.83
C ILE A 32 1.97 -5.44 -3.60
N SER A 33 3.10 -4.80 -3.28
CA SER A 33 3.54 -3.56 -3.89
C SER A 33 4.62 -3.82 -4.91
N THR A 34 4.63 -3.03 -5.97
CA THR A 34 5.81 -2.93 -6.81
C THR A 34 6.95 -2.33 -5.97
N HIS A 35 8.18 -2.51 -6.42
CA HIS A 35 9.30 -1.70 -5.94
C HIS A 35 9.13 -0.37 -6.71
N GLY A 36 10.07 0.57 -6.58
CA GLY A 36 9.98 1.80 -7.35
C GLY A 36 9.78 1.57 -8.82
N LEU A 37 8.77 2.21 -9.39
CA LEU A 37 8.43 1.98 -10.80
C LEU A 37 9.56 2.41 -11.74
N GLN A 38 10.36 3.39 -11.31
CA GLN A 38 11.51 3.85 -12.11
C GLN A 38 12.66 2.82 -12.20
N TRP A 39 12.65 1.84 -11.29
CA TRP A 39 13.68 0.80 -11.25
C TRP A 39 13.19 -0.59 -11.61
N PHE A 40 11.92 -0.88 -11.28
CA PHE A 40 11.35 -2.20 -11.44
C PHE A 40 9.92 -2.15 -12.01
N GLY A 41 9.64 -1.13 -12.81
CA GLY A 41 8.31 -0.95 -13.38
C GLY A 41 7.89 -2.01 -14.39
N GLN A 42 8.83 -2.83 -14.85
CA GLN A 42 8.52 -3.86 -15.83
C GLN A 42 7.56 -4.91 -15.23
N PHE A 43 7.50 -5.00 -13.91
CA PHE A 43 6.61 -5.94 -13.23
C PHE A 43 5.19 -5.40 -13.03
N ALA A 44 4.96 -4.13 -13.36
CA ALA A 44 3.63 -3.54 -13.26
C ALA A 44 2.95 -3.67 -14.62
N ASN A 45 2.23 -4.77 -14.79
CA ASN A 45 1.58 -5.07 -16.06
C ASN A 45 0.45 -6.06 -15.83
N LYS A 46 -0.43 -6.14 -16.80
CA LYS A 46 -1.62 -6.98 -16.66
C LYS A 46 -1.32 -8.47 -16.47
N ASP A 47 -0.32 -8.98 -17.18
CA ASP A 47 0.00 -10.41 -17.07
C ASP A 47 0.51 -10.77 -15.67
N ALA A 48 1.40 -9.95 -15.12
CA ALA A 48 1.88 -10.17 -13.74
C ALA A 48 0.73 -10.06 -12.76
N PHE A 49 -0.10 -9.04 -12.93
CA PHE A 49 -1.21 -8.80 -12.00
C PHE A 49 -2.25 -9.91 -12.08
N GLN A 50 -2.40 -10.52 -13.26
CA GLN A 50 -3.33 -11.63 -13.41
C GLN A 50 -2.87 -12.84 -12.62
N THR A 51 -1.56 -13.09 -12.61
CA THR A 51 -0.99 -14.15 -11.78
C THR A 51 -1.28 -13.85 -10.31
N LEU A 52 -1.09 -12.59 -9.91
CA LEU A 52 -1.36 -12.23 -8.52
C LEU A 52 -2.82 -12.50 -8.15
N ARG A 53 -3.73 -12.12 -9.03
CA ARG A 53 -5.15 -12.33 -8.78
C ARG A 53 -5.53 -13.81 -8.72
N ASP A 54 -5.16 -14.55 -9.75
CA ASP A 54 -5.69 -15.90 -9.92
C ASP A 54 -4.90 -16.96 -9.16
N ASP A 55 -3.58 -16.80 -9.09
CA ASP A 55 -2.72 -17.81 -8.49
C ASP A 55 -2.32 -17.44 -7.07
N TRP A 56 -2.03 -16.18 -6.82
CA TRP A 56 -1.63 -15.79 -5.47
C TRP A 56 -2.82 -15.43 -4.59
N LYS A 57 -3.95 -15.10 -5.19
CA LYS A 57 -5.17 -14.65 -4.50
C LYS A 57 -5.00 -13.29 -3.81
N ALA A 58 -4.14 -12.44 -4.37
CA ALA A 58 -4.15 -11.03 -3.99
C ALA A 58 -5.41 -10.35 -4.47
N ASN A 59 -5.90 -9.38 -3.71
CA ASN A 59 -7.00 -8.53 -4.19
C ASN A 59 -6.63 -7.05 -4.38
N VAL A 60 -5.37 -6.71 -4.14
CA VAL A 60 -4.89 -5.34 -4.31
C VAL A 60 -3.44 -5.36 -4.79
N VAL A 61 -3.11 -4.38 -5.63
CA VAL A 61 -1.72 -4.12 -6.00
C VAL A 61 -1.42 -2.68 -5.67
N ARG A 62 -0.16 -2.38 -5.34
CA ARG A 62 0.26 -1.03 -5.03
C ARG A 62 1.33 -0.60 -6.01
N LEU A 63 1.17 0.61 -6.54
CA LEU A 63 2.09 1.18 -7.51
C LEU A 63 2.96 2.23 -6.83
N ALA A 64 4.23 1.87 -6.61
CA ALA A 64 5.13 2.69 -5.81
C ALA A 64 5.86 3.69 -6.69
N MET A 65 5.25 4.87 -6.83
CA MET A 65 5.84 5.89 -7.71
C MET A 65 6.74 6.81 -6.87
N TYR A 66 8.04 6.54 -6.87
CA TYR A 66 8.97 7.41 -6.15
C TYR A 66 8.84 8.81 -6.73
N THR A 67 9.00 9.80 -5.85
CA THR A 67 8.85 11.21 -6.17
C THR A 67 10.20 11.93 -6.34
N ASP A 68 11.14 11.56 -5.48
CA ASP A 68 12.45 12.22 -5.33
C ASP A 68 13.19 12.28 -6.66
N PRO A 69 13.53 13.50 -7.12
CA PRO A 69 14.27 13.57 -8.38
C PRO A 69 15.63 12.90 -8.31
N ASN A 70 16.22 12.86 -7.11
CA ASN A 70 17.49 12.19 -6.92
C ASN A 70 17.42 10.65 -6.97
N ALA A 71 16.19 10.13 -6.95
CA ALA A 71 15.94 8.71 -7.18
C ALA A 71 15.40 8.46 -8.59
N ASN A 72 15.52 9.45 -9.48
CA ASN A 72 14.91 9.40 -10.78
C ASN A 72 13.39 9.19 -10.70
N GLY A 73 12.78 9.86 -9.72
CA GLY A 73 11.34 9.73 -9.48
C GLY A 73 10.53 10.70 -10.29
N TYR A 74 9.27 10.85 -9.89
CA TYR A 74 8.30 11.61 -10.65
C TYR A 74 8.72 13.04 -10.92
N ILE A 75 9.41 13.68 -9.98
CA ILE A 75 9.83 15.07 -10.20
C ILE A 75 10.83 15.15 -11.37
N ALA A 76 11.62 14.10 -11.56
CA ALA A 76 12.62 14.04 -12.63
C ALA A 76 12.01 13.63 -13.98
N GLN A 77 11.09 12.66 -13.96
CA GLN A 77 10.54 12.09 -15.19
C GLN A 77 9.03 11.88 -15.07
N PRO A 78 8.30 12.99 -15.01
CA PRO A 78 6.88 12.90 -14.75
C PRO A 78 6.10 12.17 -15.85
N GLU A 79 6.49 12.32 -17.10
CA GLU A 79 5.73 11.72 -18.19
C GLU A 79 5.87 10.21 -18.19
N TRP A 80 7.09 9.69 -18.08
CA TRP A 80 7.27 8.24 -18.10
C TRP A 80 6.59 7.59 -16.91
N LEU A 81 6.75 8.20 -15.74
CA LEU A 81 6.18 7.60 -14.53
C LEU A 81 4.66 7.68 -14.50
N LYS A 82 4.09 8.79 -14.94
CA LYS A 82 2.63 8.86 -15.03
C LYS A 82 2.10 7.82 -15.99
N ALA A 83 2.78 7.63 -17.12
CA ALA A 83 2.38 6.60 -18.09
C ALA A 83 2.40 5.21 -17.44
N LYS A 84 3.44 4.91 -16.66
CA LYS A 84 3.56 3.61 -16.01
C LYS A 84 2.47 3.42 -14.95
N VAL A 85 2.18 4.47 -14.19
CA VAL A 85 1.08 4.41 -13.23
C VAL A 85 -0.25 4.12 -13.95
N LYS A 86 -0.52 4.82 -15.04
CA LYS A 86 -1.74 4.55 -15.78
C LYS A 86 -1.81 3.12 -16.31
N GLU A 87 -0.68 2.56 -16.76
CA GLU A 87 -0.64 1.17 -17.21
C GLU A 87 -1.03 0.25 -16.06
N GLY A 88 -0.45 0.52 -14.89
CA GLY A 88 -0.76 -0.25 -13.70
C GLY A 88 -2.22 -0.16 -13.29
N VAL A 89 -2.76 1.06 -13.31
CA VAL A 89 -4.15 1.25 -12.93
C VAL A 89 -5.07 0.55 -13.91
N GLN A 90 -4.82 0.74 -15.20
CA GLN A 90 -5.67 0.13 -16.23
C GLN A 90 -5.64 -1.41 -16.12
N ALA A 91 -4.47 -1.98 -15.82
CA ALA A 91 -4.37 -3.42 -15.59
C ALA A 91 -5.29 -3.85 -14.44
N ALA A 92 -5.24 -3.11 -13.33
CA ALA A 92 -6.12 -3.44 -12.20
C ALA A 92 -7.59 -3.31 -12.57
N LEU A 93 -7.95 -2.25 -13.31
CA LEU A 93 -9.35 -2.09 -13.76
C LEU A 93 -9.79 -3.26 -14.62
N ASP A 94 -8.91 -3.69 -15.53
CA ASP A 94 -9.22 -4.77 -16.45
C ASP A 94 -9.37 -6.11 -15.72
N LEU A 95 -8.72 -6.25 -14.56
CA LEU A 95 -8.72 -7.50 -13.79
C LEU A 95 -9.68 -7.51 -12.61
N GLY A 96 -10.32 -6.38 -12.32
CA GLY A 96 -11.17 -6.26 -11.14
C GLY A 96 -10.42 -6.30 -9.82
N MET A 97 -9.21 -5.73 -9.81
CA MET A 97 -8.40 -5.64 -8.61
C MET A 97 -8.44 -4.23 -8.06
N TYR A 98 -8.29 -4.10 -6.74
CA TYR A 98 -8.09 -2.79 -6.14
C TYR A 98 -6.63 -2.39 -6.41
N VAL A 99 -6.40 -1.09 -6.50
CA VAL A 99 -5.07 -0.55 -6.85
C VAL A 99 -4.78 0.71 -6.05
N ILE A 100 -3.62 0.71 -5.40
CA ILE A 100 -3.16 1.86 -4.64
C ILE A 100 -2.16 2.65 -5.46
N ILE A 101 -2.47 3.93 -5.66
CA ILE A 101 -1.58 4.86 -6.32
C ILE A 101 -0.79 5.56 -5.23
N ASP A 102 0.49 5.21 -5.12
CA ASP A 102 1.36 5.63 -4.01
C ASP A 102 2.36 6.73 -4.44
N TRP A 103 2.15 7.92 -3.88
CA TRP A 103 3.08 9.05 -3.97
C TRP A 103 4.22 8.73 -3.00
N HIS A 104 5.25 8.12 -3.53
CA HIS A 104 6.18 7.36 -2.70
C HIS A 104 7.36 8.22 -2.25
N ILE A 105 7.09 9.11 -1.31
CA ILE A 105 8.14 9.95 -0.73
C ILE A 105 9.00 9.08 0.15
N LEU A 106 10.28 9.44 0.25
CA LEU A 106 11.18 8.72 1.13
C LEU A 106 12.36 9.63 1.54
N ASN A 107 13.37 9.78 0.70
CA ASN A 107 14.49 10.67 1.03
C ASN A 107 14.09 12.15 0.93
N ASP A 108 13.09 12.42 0.11
CA ASP A 108 12.33 13.67 0.16
C ASP A 108 11.34 13.52 1.30
N ASN A 109 11.87 13.68 2.51
CA ASN A 109 11.25 13.19 3.74
C ASN A 109 10.06 13.99 4.27
N ASP A 110 9.93 15.24 3.86
CA ASP A 110 8.81 16.09 4.25
C ASP A 110 7.86 16.12 3.06
N PRO A 111 6.62 15.66 3.24
CA PRO A 111 5.71 15.64 2.09
C PRO A 111 5.40 17.03 1.53
N ASN A 112 5.65 18.08 2.30
CA ASN A 112 5.43 19.41 1.81
C ASN A 112 6.40 19.83 0.69
N LEU A 113 7.53 19.13 0.55
CA LEU A 113 8.56 19.49 -0.45
C LEU A 113 7.96 19.55 -1.86
N TYR A 114 7.14 18.55 -2.20
CA TYR A 114 6.57 18.47 -3.54
C TYR A 114 5.04 18.47 -3.49
N LYS A 115 4.50 19.26 -2.58
CA LYS A 115 3.06 19.30 -2.32
C LYS A 115 2.23 19.72 -3.53
N GLU A 116 2.69 20.74 -4.25
CA GLU A 116 1.89 21.24 -5.37
C GLU A 116 1.97 20.29 -6.55
N GLN A 117 3.08 19.58 -6.68
CA GLN A 117 3.21 18.57 -7.71
C GLN A 117 2.31 17.38 -7.37
N ALA A 118 2.22 17.06 -6.08
CA ALA A 118 1.32 15.99 -5.61
C ALA A 118 -0.14 16.32 -5.90
N LYS A 119 -0.54 17.57 -5.66
CA LYS A 119 -1.91 18.01 -5.92
C LYS A 119 -2.26 17.91 -7.40
N ARG A 120 -1.35 18.33 -8.26
CA ARG A 120 -1.56 18.25 -9.70
C ARG A 120 -1.65 16.80 -10.19
N PHE A 121 -0.77 15.94 -9.64
CA PHE A 121 -0.80 14.51 -9.96
C PHE A 121 -2.11 13.87 -9.49
N PHE A 122 -2.47 14.05 -8.23
CA PHE A 122 -3.69 13.43 -7.72
C PHE A 122 -4.97 14.02 -8.30
N ALA A 123 -4.95 15.31 -8.66
CA ALA A 123 -6.11 15.87 -9.34
C ALA A 123 -6.34 15.15 -10.67
N GLU A 124 -5.27 14.90 -11.40
CA GLU A 124 -5.37 14.18 -12.66
C GLU A 124 -5.84 12.74 -12.45
N MET A 125 -5.30 12.07 -11.45
CA MET A 125 -5.69 10.68 -11.25
C MET A 125 -7.14 10.57 -10.79
N ALA A 126 -7.57 11.49 -9.92
CA ALA A 126 -8.95 11.48 -9.44
C ALA A 126 -9.95 11.78 -10.57
N ARG A 127 -9.59 12.71 -11.44
CA ARG A 127 -10.40 12.99 -12.62
C ARG A 127 -10.51 11.76 -13.54
N GLU A 128 -9.38 11.09 -13.76
CA GLU A 128 -9.33 9.99 -14.70
C GLU A 128 -10.03 8.75 -14.18
N TYR A 129 -9.80 8.46 -12.90
CA TYR A 129 -10.14 7.15 -12.35
C TYR A 129 -11.14 7.16 -11.20
N GLY A 130 -11.53 8.33 -10.72
CA GLY A 130 -12.44 8.44 -9.59
C GLY A 130 -13.79 7.74 -9.73
N LYS A 131 -14.28 7.59 -10.96
CA LYS A 131 -15.52 6.87 -11.19
C LYS A 131 -15.47 5.38 -10.82
N TYR A 132 -14.26 4.83 -10.70
CA TYR A 132 -14.13 3.40 -10.47
C TYR A 132 -13.84 3.13 -9.00
N PRO A 133 -14.46 2.09 -8.43
CA PRO A 133 -14.25 1.79 -7.02
C PRO A 133 -12.89 1.15 -6.72
N ASN A 134 -12.13 0.80 -7.75
CA ASN A 134 -10.85 0.10 -7.57
C ASN A 134 -9.78 0.96 -6.91
N VAL A 135 -9.86 2.26 -7.13
CA VAL A 135 -8.72 3.15 -6.88
C VAL A 135 -8.64 3.62 -5.44
N ILE A 136 -7.41 3.62 -4.91
CA ILE A 136 -7.09 4.07 -3.55
C ILE A 136 -5.91 4.99 -3.71
N TYR A 137 -5.95 6.14 -3.03
CA TYR A 137 -4.86 7.13 -3.14
C TYR A 137 -4.02 7.08 -1.90
N GLU A 138 -2.70 6.90 -2.04
CA GLU A 138 -1.79 6.91 -0.89
C GLU A 138 -0.90 8.15 -1.05
N ILE A 139 -1.19 9.17 -0.26
CA ILE A 139 -0.68 10.51 -0.59
C ILE A 139 0.72 10.87 -0.10
N ALA A 140 1.29 10.04 0.78
CA ALA A 140 2.65 10.28 1.27
C ALA A 140 3.19 9.03 1.95
N ASN A 141 3.82 8.17 1.18
CA ASN A 141 4.37 6.89 1.67
C ASN A 141 4.94 6.91 3.09
N GLU A 142 6.09 7.58 3.27
CA GLU A 142 6.87 7.52 4.50
C GLU A 142 7.47 8.86 4.88
N PRO A 143 6.64 9.76 5.44
CA PRO A 143 7.21 10.93 6.08
C PRO A 143 8.23 10.49 7.13
N ASN A 144 9.34 11.20 7.25
CA ASN A 144 10.36 10.85 8.22
C ASN A 144 11.19 12.07 8.56
N GLY A 145 11.95 11.96 9.65
CA GLY A 145 12.72 13.11 10.15
C GLY A 145 12.18 13.64 11.47
N ASN A 146 13.07 14.16 12.32
CA ASN A 146 12.61 14.62 13.63
C ASN A 146 11.73 15.85 13.60
N ASP A 147 11.71 16.60 12.49
CA ASP A 147 10.82 17.78 12.39
C ASP A 147 9.47 17.46 11.76
N VAL A 148 9.39 16.31 11.09
CA VAL A 148 8.23 15.98 10.27
C VAL A 148 7.21 15.24 11.12
N THR A 149 6.50 15.99 11.94
CA THR A 149 5.53 15.43 12.85
C THR A 149 4.12 15.59 12.33
N TRP A 150 3.20 14.85 12.94
CA TRP A 150 1.79 14.91 12.57
C TRP A 150 1.27 16.34 12.62
N GLU A 151 1.42 16.99 13.77
CA GLU A 151 0.83 18.31 13.95
C GLU A 151 1.50 19.40 13.11
N GLU A 152 2.82 19.35 12.99
CA GLU A 152 3.56 20.43 12.33
C GLU A 152 3.60 20.33 10.82
N LYS A 153 3.71 19.11 10.29
CA LYS A 153 4.00 18.92 8.86
C LYS A 153 3.06 17.97 8.13
N ILE A 154 2.74 16.83 8.74
CA ILE A 154 2.02 15.79 7.98
C ILE A 154 0.54 16.11 7.83
N ARG A 155 -0.10 16.44 8.94
CA ARG A 155 -1.53 16.75 8.91
C ARG A 155 -1.81 17.96 8.02
N PRO A 156 -1.02 19.04 8.12
CA PRO A 156 -1.36 20.14 7.20
C PRO A 156 -1.21 19.77 5.72
N TYR A 157 -0.19 19.00 5.39
CA TYR A 157 -0.04 18.47 4.03
C TYR A 157 -1.28 17.67 3.61
N ALA A 158 -1.66 16.72 4.46
CA ALA A 158 -2.77 15.83 4.16
C ALA A 158 -4.08 16.58 4.03
N ASP A 159 -4.30 17.58 4.89
CA ASP A 159 -5.55 18.33 4.79
C ASP A 159 -5.69 18.99 3.42
N GLU A 160 -4.63 19.63 2.94
CA GLU A 160 -4.65 20.26 1.62
C GLU A 160 -4.82 19.25 0.47
N VAL A 161 -4.07 18.16 0.51
CA VAL A 161 -4.14 17.20 -0.59
C VAL A 161 -5.51 16.49 -0.59
N ILE A 162 -6.03 16.15 0.59
CA ILE A 162 -7.34 15.52 0.68
C ILE A 162 -8.43 16.47 0.12
N ARG A 163 -8.38 17.75 0.47
CA ARG A 163 -9.39 18.67 -0.04
C ARG A 163 -9.32 18.75 -1.58
N THR A 164 -8.11 18.68 -2.14
CA THR A 164 -7.93 18.61 -3.58
C THR A 164 -8.62 17.35 -4.15
N ILE A 165 -8.26 16.19 -3.63
CA ILE A 165 -8.83 14.97 -4.15
C ILE A 165 -10.35 14.94 -3.99
N ARG A 166 -10.82 15.32 -2.82
CA ARG A 166 -12.23 15.19 -2.48
C ARG A 166 -13.09 16.16 -3.26
N SER A 167 -12.49 17.21 -3.81
CA SER A 167 -13.24 18.11 -4.72
C SER A 167 -13.64 17.42 -6.03
N ILE A 168 -12.96 16.33 -6.37
CA ILE A 168 -13.18 15.59 -7.60
C ILE A 168 -13.74 14.17 -7.38
N ASP A 169 -13.14 13.46 -6.43
CA ASP A 169 -13.50 12.10 -6.06
C ASP A 169 -13.94 12.11 -4.61
N ARG A 170 -15.24 12.11 -4.39
CA ARG A 170 -15.76 12.30 -3.04
C ARG A 170 -15.65 11.03 -2.19
N ASP A 171 -15.47 9.86 -2.81
CA ASP A 171 -15.65 8.60 -2.09
C ASP A 171 -14.44 7.67 -1.92
N ASN A 172 -13.55 7.59 -2.90
CA ASN A 172 -12.52 6.55 -2.82
C ASN A 172 -11.56 6.76 -1.65
N LEU A 173 -11.05 5.66 -1.13
CA LEU A 173 -10.18 5.65 0.05
C LEU A 173 -8.92 6.45 -0.15
N ILE A 174 -8.50 7.17 0.88
CA ILE A 174 -7.20 7.86 0.92
C ILE A 174 -6.45 7.32 2.13
N ILE A 175 -5.22 6.88 1.89
CA ILE A 175 -4.29 6.43 2.94
C ILE A 175 -3.27 7.54 3.19
N VAL A 176 -3.10 7.89 4.47
CA VAL A 176 -2.27 9.02 4.87
C VAL A 176 -1.12 8.47 5.71
N GLY A 177 0.10 8.78 5.29
CA GLY A 177 1.31 8.40 5.99
C GLY A 177 1.44 9.05 7.34
N THR A 178 2.27 8.44 8.19
CA THR A 178 2.50 8.94 9.54
C THR A 178 4.01 9.10 9.74
N GLY A 179 4.40 9.71 10.85
CA GLY A 179 5.80 10.05 11.06
C GLY A 179 6.68 8.86 11.31
N THR A 180 7.97 9.10 11.32
CA THR A 180 8.98 8.06 11.51
C THR A 180 8.75 6.87 10.58
N TRP A 181 8.73 7.14 9.27
CA TRP A 181 8.50 6.12 8.25
C TRP A 181 7.20 5.33 8.47
N SER A 182 6.14 6.09 8.73
CA SER A 182 4.80 5.54 8.94
C SER A 182 4.76 4.56 10.11
N GLN A 183 5.36 4.99 11.21
CA GLN A 183 5.24 4.28 12.49
C GLN A 183 4.43 5.06 13.52
N ASP A 184 4.31 6.38 13.35
CA ASP A 184 3.85 7.25 14.43
C ASP A 184 2.33 7.43 14.40
N VAL A 185 1.64 6.30 14.33
CA VAL A 185 0.19 6.30 14.24
C VAL A 185 -0.47 6.76 15.55
N ASP A 186 0.28 6.67 16.65
CA ASP A 186 -0.21 7.11 17.95
C ASP A 186 -0.44 8.60 18.03
N ASP A 187 0.20 9.39 17.16
CA ASP A 187 0.00 10.84 17.17
C ASP A 187 -1.31 11.28 16.49
N VAL A 188 -1.92 10.40 15.70
CA VAL A 188 -3.10 10.79 14.93
C VAL A 188 -4.31 11.10 15.80
N ALA A 189 -4.52 10.32 16.86
CA ALA A 189 -5.71 10.47 17.69
C ALA A 189 -5.80 11.83 18.36
N SER A 190 -4.66 12.48 18.60
CA SER A 190 -4.66 13.84 19.14
C SER A 190 -5.31 14.87 18.21
N ASP A 191 -5.31 14.61 16.91
CA ASP A 191 -5.86 15.54 15.93
C ASP A 191 -6.14 14.85 14.58
N PRO A 192 -7.19 14.02 14.52
CA PRO A 192 -7.45 13.29 13.27
C PRO A 192 -7.99 14.18 12.16
N LEU A 193 -7.98 13.68 10.93
CA LEU A 193 -8.52 14.45 9.81
C LEU A 193 -10.04 14.23 9.75
N PRO A 194 -10.82 15.30 9.47
CA PRO A 194 -12.28 15.14 9.57
C PRO A 194 -13.00 14.41 8.42
N TYR A 195 -12.28 14.02 7.37
CA TYR A 195 -12.88 13.62 6.10
C TYR A 195 -13.36 12.16 6.07
N LYS A 196 -14.27 11.88 5.13
CA LYS A 196 -14.77 10.52 4.82
C LYS A 196 -13.65 9.62 4.28
N ASN A 197 -13.67 8.35 4.68
CA ASN A 197 -12.88 7.31 4.02
C ASN A 197 -11.36 7.58 3.98
N ILE A 198 -10.83 7.85 5.18
CA ILE A 198 -9.41 8.08 5.41
C ILE A 198 -8.90 6.96 6.30
N MET A 199 -7.74 6.40 5.96
CA MET A 199 -7.04 5.46 6.85
C MET A 199 -5.59 5.92 7.00
N TYR A 200 -4.95 5.49 8.08
CA TYR A 200 -3.62 5.96 8.43
C TYR A 200 -2.63 4.81 8.29
N ALA A 201 -1.50 5.11 7.65
CA ALA A 201 -0.56 4.05 7.32
C ALA A 201 0.29 3.64 8.52
N VAL A 202 0.51 2.34 8.64
CA VAL A 202 1.58 1.80 9.47
C VAL A 202 2.43 0.88 8.61
N HIS A 203 3.74 1.08 8.65
CA HIS A 203 4.67 0.24 7.92
C HIS A 203 5.59 -0.49 8.89
N PHE A 204 5.90 -1.75 8.59
CA PHE A 204 6.82 -2.51 9.43
C PHE A 204 7.69 -3.44 8.59
N TYR A 205 8.84 -3.79 9.14
CA TYR A 205 9.77 -4.74 8.55
C TYR A 205 10.12 -5.72 9.67
N SER A 206 9.91 -7.01 9.44
CA SER A 206 9.88 -7.95 10.56
C SER A 206 11.25 -8.24 11.16
N GLY A 207 12.30 -7.82 10.47
CA GLY A 207 13.64 -7.91 11.02
C GLY A 207 13.91 -6.86 12.09
N THR A 208 13.09 -5.81 12.10
CA THR A 208 13.27 -4.62 12.91
C THR A 208 12.10 -4.51 13.92
N HIS A 209 10.89 -4.58 13.40
CA HIS A 209 9.71 -4.24 14.17
C HIS A 209 9.02 -5.47 14.72
N THR A 210 9.02 -5.55 16.04
CA THR A 210 8.48 -6.69 16.76
C THR A 210 7.18 -6.29 17.47
N GLN A 211 6.80 -7.03 18.50
CA GLN A 211 5.54 -6.80 19.17
C GLN A 211 5.29 -5.37 19.62
N TRP A 212 6.35 -4.64 19.98
CA TRP A 212 6.16 -3.29 20.47
C TRP A 212 5.32 -2.46 19.49
N LEU A 213 5.54 -2.65 18.19
CA LEU A 213 4.80 -1.85 17.22
C LEU A 213 3.37 -2.35 17.07
N ARG A 214 3.18 -3.66 17.23
CA ARG A 214 1.82 -4.22 17.28
C ARG A 214 1.06 -3.68 18.49
N ASP A 215 1.74 -3.49 19.61
CA ASP A 215 1.10 -2.92 20.79
C ASP A 215 0.66 -1.48 20.50
N ARG A 216 1.50 -0.71 19.81
CA ARG A 216 1.11 0.62 19.38
C ARG A 216 -0.11 0.59 18.47
N VAL A 217 -0.12 -0.34 17.51
CA VAL A 217 -1.24 -0.45 16.60
C VAL A 217 -2.52 -0.78 17.37
N ASP A 218 -2.44 -1.71 18.31
CA ASP A 218 -3.62 -2.05 19.13
C ASP A 218 -4.14 -0.84 19.85
N ALA A 219 -3.25 -0.02 20.42
CA ALA A 219 -3.68 1.17 21.14
C ALA A 219 -4.36 2.17 20.21
N ALA A 220 -3.85 2.30 18.98
CA ALA A 220 -4.45 3.18 17.99
C ALA A 220 -5.85 2.71 17.61
N LEU A 221 -6.00 1.40 17.40
CA LEU A 221 -7.32 0.85 17.06
C LEU A 221 -8.30 1.11 18.19
N GLN A 222 -7.88 0.86 19.43
CA GLN A 222 -8.79 1.07 20.57
C GLN A 222 -9.22 2.51 20.68
N ALA A 223 -8.36 3.45 20.27
CA ALA A 223 -8.66 4.89 20.30
C ALA A 223 -9.50 5.36 19.11
N GLY A 224 -9.72 4.48 18.14
CA GLY A 224 -10.58 4.77 16.99
C GLY A 224 -9.86 5.20 15.72
N THR A 225 -8.53 5.03 15.68
CA THR A 225 -7.74 5.38 14.51
C THR A 225 -7.70 4.21 13.52
N PRO A 226 -8.22 4.39 12.29
CA PRO A 226 -8.15 3.32 11.30
C PRO A 226 -6.73 3.15 10.75
N VAL A 227 -6.31 1.90 10.66
CA VAL A 227 -4.95 1.57 10.28
C VAL A 227 -4.97 0.74 8.99
N PHE A 228 -4.05 1.05 8.07
CA PHE A 228 -3.89 0.28 6.84
C PHE A 228 -2.39 0.03 6.69
N VAL A 229 -1.99 -1.23 6.60
CA VAL A 229 -0.56 -1.54 6.42
C VAL A 229 -0.24 -1.50 4.92
N SER A 230 0.09 -0.32 4.42
CA SER A 230 0.23 -0.18 2.98
C SER A 230 1.61 -0.63 2.50
N GLU A 231 2.51 -0.94 3.43
CA GLU A 231 3.82 -1.49 3.06
C GLU A 231 4.38 -2.27 4.25
N TRP A 232 4.80 -3.52 4.02
CA TRP A 232 5.56 -4.24 5.05
C TRP A 232 6.50 -5.23 4.40
N GLY A 233 7.62 -5.51 5.06
CA GLY A 233 8.59 -6.47 4.55
C GLY A 233 9.00 -7.53 5.54
N THR A 234 9.56 -8.62 5.00
CA THR A 234 10.07 -9.73 5.79
C THR A 234 11.53 -9.55 6.15
N SER A 235 12.14 -8.48 5.65
CA SER A 235 13.56 -8.18 5.86
C SER A 235 13.74 -7.20 7.02
N ASP A 236 14.97 -6.73 7.21
CA ASP A 236 15.21 -5.52 8.00
C ASP A 236 14.69 -4.30 7.23
N ALA A 237 14.69 -3.14 7.89
CA ALA A 237 14.06 -1.96 7.29
C ALA A 237 14.77 -1.48 6.02
N SER A 238 16.02 -1.90 5.85
CA SER A 238 16.79 -1.64 4.63
C SER A 238 16.22 -2.29 3.37
N GLY A 239 15.35 -3.29 3.56
CA GLY A 239 14.88 -4.15 2.47
C GLY A 239 15.67 -5.43 2.31
N ASP A 240 16.78 -5.58 3.04
CA ASP A 240 17.60 -6.78 2.96
C ASP A 240 17.77 -7.39 4.35
N GLY A 241 18.37 -8.56 4.41
CA GLY A 241 18.57 -9.27 5.66
C GLY A 241 17.48 -10.29 5.92
N GLY A 242 17.89 -11.43 6.49
CA GLY A 242 16.96 -12.50 6.78
C GLY A 242 16.61 -13.29 5.51
N PRO A 243 15.31 -13.42 5.19
CA PRO A 243 14.12 -12.85 5.85
C PRO A 243 13.84 -13.42 7.22
N TYR A 244 12.91 -12.75 7.90
CA TYR A 244 12.55 -13.05 9.27
C TYR A 244 11.10 -13.47 9.27
N LEU A 245 10.88 -14.74 8.90
CA LEU A 245 9.54 -15.22 8.63
C LEU A 245 8.76 -15.60 9.88
N GLU A 246 9.46 -16.04 10.94
CA GLU A 246 8.78 -16.28 12.21
C GLU A 246 8.12 -15.00 12.73
N GLU A 247 8.85 -13.90 12.72
CA GLU A 247 8.29 -12.62 13.17
C GLU A 247 7.22 -12.13 12.20
N ALA A 248 7.43 -12.34 10.91
CA ALA A 248 6.43 -11.93 9.90
C ALA A 248 5.10 -12.68 10.12
N GLU A 249 5.19 -13.95 10.46
CA GLU A 249 4.01 -14.72 10.77
C GLU A 249 3.25 -14.17 11.97
N LYS A 250 3.94 -13.74 13.03
CA LYS A 250 3.25 -13.09 14.16
C LYS A 250 2.50 -11.87 13.67
N TRP A 251 3.11 -11.09 12.78
CA TRP A 251 2.44 -9.91 12.25
C TRP A 251 1.20 -10.26 11.43
N ILE A 252 1.31 -11.23 10.54
CA ILE A 252 0.18 -11.56 9.68
C ILE A 252 -0.99 -12.12 10.48
N GLU A 253 -0.71 -12.98 11.45
CA GLU A 253 -1.76 -13.47 12.36
C GLU A 253 -2.44 -12.29 13.06
N PHE A 254 -1.64 -11.37 13.60
CA PHE A 254 -2.15 -10.20 14.33
C PHE A 254 -3.04 -9.35 13.42
N LEU A 255 -2.56 -9.07 12.22
CA LEU A 255 -3.31 -8.23 11.29
C LEU A 255 -4.61 -8.92 10.84
N ASN A 256 -4.51 -10.20 10.51
CA ASN A 256 -5.71 -10.94 10.08
C ASN A 256 -6.76 -11.01 11.18
N GLU A 257 -6.32 -11.26 12.43
CA GLU A 257 -7.24 -11.32 13.57
C GLU A 257 -8.02 -10.03 13.76
N ARG A 258 -7.38 -8.92 13.42
CA ARG A 258 -7.97 -7.58 13.54
C ARG A 258 -8.56 -7.04 12.24
N GLY A 259 -8.48 -7.84 11.17
CA GLY A 259 -9.05 -7.46 9.88
C GLY A 259 -8.34 -6.32 9.18
N ILE A 260 -7.08 -6.11 9.53
CA ILE A 260 -6.31 -4.98 9.03
C ILE A 260 -5.73 -5.33 7.66
N SER A 261 -5.95 -4.43 6.70
CA SER A 261 -5.46 -4.62 5.34
C SER A 261 -3.94 -4.54 5.29
N TRP A 262 -3.33 -5.33 4.41
CA TRP A 262 -1.87 -5.37 4.34
C TRP A 262 -1.35 -5.59 2.92
N VAL A 263 -0.20 -4.97 2.65
CA VAL A 263 0.45 -4.99 1.35
C VAL A 263 1.94 -5.21 1.57
N ASN A 264 2.45 -6.31 1.02
CA ASN A 264 3.85 -6.68 1.14
C ASN A 264 4.75 -5.90 0.15
N TRP A 265 5.99 -5.66 0.57
CA TRP A 265 7.04 -5.07 -0.26
C TRP A 265 8.08 -6.15 -0.48
N SER A 266 8.42 -6.56 -1.72
CA SER A 266 7.93 -6.01 -2.97
C SER A 266 7.96 -7.05 -4.08
N LEU A 267 7.18 -6.77 -5.12
CA LEU A 267 7.14 -7.62 -6.31
C LEU A 267 8.20 -7.16 -7.29
N CYS A 268 9.42 -7.65 -7.09
CA CYS A 268 10.52 -7.39 -8.03
C CYS A 268 11.55 -8.47 -7.82
N ASP A 269 12.59 -8.44 -8.65
CA ASP A 269 13.62 -9.45 -8.59
C ASP A 269 14.98 -8.90 -8.17
N LYS A 270 14.99 -7.83 -7.38
CA LYS A 270 16.22 -7.31 -6.82
C LYS A 270 16.83 -8.35 -5.90
N ASN A 271 18.15 -8.41 -5.85
CA ASN A 271 18.85 -9.35 -5.00
C ASN A 271 18.89 -8.85 -3.56
N GLU A 272 17.73 -8.91 -2.89
CA GLU A 272 17.60 -8.54 -1.49
C GLU A 272 16.47 -9.38 -0.90
N ALA A 273 16.54 -9.62 0.39
CA ALA A 273 15.65 -10.58 1.05
C ALA A 273 14.16 -10.26 0.94
N SER A 274 13.79 -8.99 0.91
CA SER A 274 12.36 -8.64 0.81
C SER A 274 11.76 -8.83 -0.59
N ALA A 275 12.59 -8.97 -1.62
CA ALA A 275 12.08 -9.13 -3.00
C ALA A 275 11.40 -10.48 -3.14
N ALA A 276 10.21 -10.51 -3.72
CA ALA A 276 9.40 -11.74 -3.84
C ALA A 276 9.90 -12.70 -4.91
N LEU A 277 10.61 -12.18 -5.91
CA LEU A 277 11.03 -12.95 -7.09
C LEU A 277 12.52 -13.15 -7.14
N ARG A 278 12.97 -14.30 -7.63
CA ARG A 278 14.42 -14.52 -7.81
C ARG A 278 14.91 -13.77 -9.04
N PRO A 279 16.18 -13.35 -9.04
CA PRO A 279 16.68 -12.58 -10.18
C PRO A 279 16.41 -13.23 -11.55
N GLY A 280 15.92 -12.43 -12.48
CA GLY A 280 15.63 -12.89 -13.84
C GLY A 280 14.21 -13.42 -14.03
N ALA A 281 13.39 -13.36 -12.99
CA ALA A 281 12.01 -13.79 -13.06
C ALA A 281 11.27 -13.07 -14.19
N ASP A 282 10.36 -13.79 -14.83
CA ASP A 282 9.58 -13.30 -15.97
C ASP A 282 8.72 -12.12 -15.52
N PRO A 283 8.84 -10.94 -16.18
CA PRO A 283 7.95 -9.85 -15.82
C PRO A 283 6.45 -10.13 -16.03
N HIS A 284 6.14 -11.16 -16.81
CA HIS A 284 4.74 -11.50 -17.17
C HIS A 284 4.06 -12.46 -16.22
N GLY A 285 4.68 -12.79 -15.09
CA GLY A 285 4.01 -13.67 -14.12
C GLY A 285 4.23 -15.14 -14.41
N GLY A 286 3.27 -15.97 -13.98
CA GLY A 286 3.34 -17.43 -14.14
C GLY A 286 4.47 -18.11 -13.42
N TRP A 287 4.93 -17.53 -12.31
CA TRP A 287 6.16 -17.97 -11.67
C TRP A 287 5.96 -19.28 -10.94
N GLY A 288 6.77 -20.27 -11.27
CA GLY A 288 6.86 -21.49 -10.48
C GLY A 288 7.43 -21.18 -9.10
N ASP A 289 7.17 -22.03 -8.11
CA ASP A 289 7.74 -21.83 -6.77
C ASP A 289 9.24 -21.62 -6.80
N ASP A 290 9.96 -22.31 -7.69
CA ASP A 290 11.41 -22.15 -7.69
C ASP A 290 11.90 -20.82 -8.29
N HIS A 291 11.00 -19.98 -8.80
CA HIS A 291 11.35 -18.64 -9.25
C HIS A 291 10.94 -17.58 -8.21
N LEU A 292 10.39 -18.03 -7.08
CA LEU A 292 10.08 -17.15 -5.96
C LEU A 292 11.13 -17.29 -4.88
N SER A 293 11.44 -16.18 -4.22
CA SER A 293 12.36 -16.19 -3.09
C SER A 293 11.70 -16.81 -1.87
N ASP A 294 12.47 -16.98 -0.80
CA ASP A 294 11.89 -17.40 0.48
C ASP A 294 10.74 -16.46 0.89
N SER A 295 10.96 -15.16 0.74
CA SER A 295 9.92 -14.18 1.05
C SER A 295 8.72 -14.34 0.14
N GLY A 296 8.95 -14.48 -1.16
CA GLY A 296 7.86 -14.60 -2.12
C GLY A 296 7.01 -15.82 -1.82
N ARG A 297 7.66 -16.95 -1.53
CA ARG A 297 6.92 -18.15 -1.14
C ARG A 297 6.03 -17.93 0.06
N PHE A 298 6.55 -17.21 1.05
CA PHE A 298 5.80 -16.91 2.27
C PHE A 298 4.56 -16.07 1.96
N ILE A 299 4.74 -15.01 1.16
CA ILE A 299 3.65 -14.10 0.87
C ILE A 299 2.58 -14.84 0.08
N LYS A 300 2.99 -15.60 -0.93
CA LYS A 300 2.02 -16.33 -1.71
C LYS A 300 1.23 -17.26 -0.80
N ALA A 301 1.93 -17.98 0.08
CA ALA A 301 1.27 -18.88 1.05
C ALA A 301 0.31 -18.15 1.98
N LYS A 302 0.70 -16.99 2.49
CA LYS A 302 -0.17 -16.21 3.38
C LYS A 302 -1.45 -15.75 2.68
N LEU A 303 -1.30 -15.32 1.42
CA LEU A 303 -2.45 -14.86 0.64
C LEU A 303 -3.44 -16.00 0.39
N ILE A 304 -2.91 -17.16 0.04
CA ILE A 304 -3.75 -18.32 -0.23
C ILE A 304 -4.45 -18.75 1.06
N GLU A 305 -3.71 -18.77 2.17
CA GLU A 305 -4.31 -19.21 3.44
C GLU A 305 -5.37 -18.26 3.95
N ALA A 306 -5.17 -16.96 3.73
CA ALA A 306 -6.12 -15.94 4.18
C ALA A 306 -7.45 -16.08 3.45
N LEU A 307 -7.38 -16.39 2.16
CA LEU A 307 -8.59 -16.60 1.37
C LEU A 307 -9.32 -17.84 1.86
N GLU A 308 -8.58 -18.92 2.13
CA GLU A 308 -9.18 -20.17 2.65
C GLU A 308 -9.89 -19.95 3.99
N HIS A 309 -9.24 -19.20 4.87
CA HIS A 309 -9.79 -18.91 6.19
C HIS A 309 -11.06 -18.06 6.06
N HIS A 310 -11.09 -17.16 5.08
CA HIS A 310 -12.29 -16.35 4.83
C HIS A 310 -13.47 -17.18 4.33
N HIS A 311 -13.23 -18.02 3.33
CA HIS A 311 -14.30 -18.84 2.75
C HIS A 311 -14.93 -19.78 3.76
N HIS A 312 -14.14 -20.24 4.74
CA HIS A 312 -14.63 -21.21 5.71
C HIS A 312 -14.88 -20.67 7.13
N HIS A 313 -14.41 -19.46 7.44
CA HIS A 313 -14.64 -18.87 8.78
C HIS A 313 -15.01 -17.39 8.68
#